data_3OKE
#
_entry.id   3OKE
#
_cell.length_a   44.959
_cell.length_b   81.245
_cell.length_c   127.710
_cell.angle_alpha   90.00
_cell.angle_beta   90.00
_cell.angle_gamma   90.00
#
_symmetry.space_group_name_H-M   'P 21 21 21'
#
loop_
_entity.id
_entity.type
_entity.pdbx_description
1 polymer 'S25-39 Fab (IgG1k) light chain'
2 polymer 'S25-39 Fab (IgG1k) heavy chain'
3 non-polymer 'prop-2-en-1-yl D-glycero-alpha-D-talo-oct-2-ulopyranosidonic acid'
4 non-polymer 'ZINC ION'
5 water water
#
loop_
_entity_poly.entity_id
_entity_poly.type
_entity_poly.pdbx_seq_one_letter_code
_entity_poly.pdbx_strand_id
1 'polypeptide(L)'
;DIVMTQSPSSLAVSAGEKVTMNCKSSQSLLNSRTRKNYLAWYQQKPGQSPKLLIYWASTRESGVPDRFTGSGSGTDFALT
ISSVQAEDLAVYYCKQSYNLRTFGGGTKLEIKRADAAPTVSIFPPSSEQLTSGGASVVCFLNNFYPKDINVKWKIDGSER
ANGVLNSWTDQDSKDSTYSMTSTLTLTKDEYERHNSYTCEASHKTSTSPIVKSFNRNEC
;
A
2 'polypeptide(L)'
;EVKLVESGGGLVQPGGSLRLACATSGFTFTDYYMSWVRQPPGKALEWLGFIRNKAKGYTTEYSASVKGRFTISRDNSQSS
LYLQMNTLRAEDSATYYCARDHDGYYERFAYWGQGTLVTVSAAATTPPSVYPLAPGSAAQTNSMVTLGCLVKGYFPEPVT
VTWNSGSLSTGVHTFPAVLSSDLYTLTSSVTVPSKTWPSETVTCNVAHPASSTKVDKKIVPA
;
B
#
# COMPACT_ATOMS: atom_id res chain seq x y z
N ASP A 1 -18.21 -3.90 25.30
CA ASP A 1 -17.72 -3.27 24.08
C ASP A 1 -16.28 -2.85 24.29
N ILE A 2 -15.41 -3.05 23.30
CA ILE A 2 -13.98 -2.96 23.54
C ILE A 2 -13.18 -2.01 22.67
N VAL A 3 -12.56 -1.03 23.32
CA VAL A 3 -11.87 0.06 22.66
C VAL A 3 -10.35 -0.06 22.79
N MET A 4 -9.67 -0.08 21.65
CA MET A 4 -8.20 -0.22 21.59
C MET A 4 -7.54 1.07 21.12
N THR A 5 -6.77 1.70 21.98
CA THR A 5 -5.96 2.85 21.57
C THR A 5 -4.52 2.36 21.45
N GLN A 6 -3.77 2.89 20.49
CA GLN A 6 -2.37 2.54 20.36
C GLN A 6 -1.52 3.79 20.43
N SER A 7 -0.27 3.63 20.87
CA SER A 7 0.60 4.75 21.17
C SER A 7 2.07 4.41 20.91
N PRO A 8 2.82 5.32 20.29
CA PRO A 8 2.33 6.55 19.66
C PRO A 8 1.73 6.25 18.30
N SER A 9 1.25 7.28 17.61
CA SER A 9 0.67 7.12 16.29
C SER A 9 1.77 6.85 15.32
N SER A 10 2.89 7.51 15.54
CA SER A 10 4.06 7.31 14.68
C SER A 10 5.37 7.71 15.39
N LEU A 11 6.46 7.12 14.94
CA LEU A 11 7.79 7.49 15.42
C LEU A 11 8.85 6.98 14.45
N ALA A 12 10.06 7.52 14.56
CA ALA A 12 11.19 7.06 13.75
C ALA A 12 12.33 6.67 14.67
N VAL A 13 13.03 5.61 14.34
CA VAL A 13 14.15 5.14 15.14
C VAL A 13 15.30 4.71 14.20
N SER A 14 16.54 4.81 14.67
CA SER A 14 17.69 4.40 13.86
C SER A 14 17.88 2.89 13.92
N ALA A 15 18.51 2.32 12.90
CA ALA A 15 18.81 0.90 12.93
C ALA A 15 19.66 0.57 14.16
N GLY A 16 19.27 -0.50 14.87
CA GLY A 16 19.97 -0.94 16.06
C GLY A 16 19.34 -0.42 17.34
N GLU A 17 18.77 0.78 17.28
CA GLU A 17 18.08 1.36 18.40
C GLU A 17 16.93 0.45 18.87
N LYS A 18 16.39 0.75 20.05
CA LYS A 18 15.31 -0.03 20.61
C LYS A 18 13.99 0.72 20.45
N VAL A 19 12.89 -0.02 20.47
CA VAL A 19 11.58 0.53 20.14
C VAL A 19 10.47 -0.12 20.98
N THR A 20 9.64 0.72 21.59
CA THR A 20 8.51 0.23 22.37
C THR A 20 7.23 0.93 21.92
N MET A 21 6.23 0.14 21.59
CA MET A 21 4.93 0.70 21.25
C MET A 21 3.82 0.04 22.08
N ASN A 22 2.80 0.83 22.41
CA ASN A 22 1.88 0.46 23.45
C ASN A 22 0.48 0.27 22.97
N CYS A 23 -0.27 -0.48 23.76
CA CYS A 23 -1.60 -0.89 23.37
C CYS A 23 -2.49 -0.90 24.59
N LYS A 24 -3.48 -0.02 24.57
CA LYS A 24 -4.42 0.06 25.67
C LYS A 24 -5.75 -0.57 25.28
N SER A 25 -6.31 -1.31 26.23
CA SER A 25 -7.66 -1.85 26.13
C SER A 25 -8.59 -1.12 27.10
N SER A 26 -9.84 -0.92 26.70
CA SER A 26 -10.82 -0.28 27.58
C SER A 26 -11.25 -1.25 28.67
N GLN A 27 -11.04 -2.55 28.44
CA GLN A 27 -11.25 -3.54 29.50
C GLN A 27 -10.21 -4.66 29.49
N SER A 28 -10.15 -5.43 30.58
CA SER A 28 -9.17 -6.50 30.65
C SER A 28 -9.44 -7.57 29.59
N LEU A 29 -8.36 -8.12 29.04
CA LEU A 29 -8.50 -9.16 28.03
C LEU A 29 -7.97 -10.47 28.60
N LEU A 30 -7.92 -10.55 29.93
CA LEU A 30 -7.47 -11.77 30.59
C LEU A 30 -8.61 -12.74 30.73
N ASN A 31 -8.47 -13.89 30.06
CA ASN A 31 -9.42 -14.99 30.22
C ASN A 31 -8.97 -15.84 31.40
N SER A 32 -9.76 -15.80 32.48
CA SER A 32 -9.43 -16.51 33.71
C SER A 32 -9.36 -18.03 33.54
N ARG A 33 -10.15 -18.58 32.61
CA ARG A 33 -10.11 -20.02 32.34
C ARG A 33 -8.72 -20.38 31.86
N THR A 34 -8.35 -19.84 30.70
CA THR A 34 -7.06 -20.09 30.07
C THR A 34 -5.88 -19.32 30.66
N ARG A 35 -6.15 -18.36 31.55
CA ARG A 35 -5.07 -17.54 32.13
C ARG A 35 -4.21 -16.82 31.08
N LYS A 36 -4.75 -16.67 29.88
CA LYS A 36 -4.04 -15.97 28.82
C LYS A 36 -4.72 -14.64 28.50
N ASN A 37 -3.93 -13.71 27.97
CA ASN A 37 -4.50 -12.47 27.44
C ASN A 37 -4.76 -12.62 25.97
N TYR A 38 -6.00 -12.33 25.57
CA TYR A 38 -6.40 -12.44 24.18
C TYR A 38 -5.99 -11.18 23.41
N LEU A 39 -4.68 -11.01 23.21
CA LEU A 39 -4.18 -9.82 22.55
C LEU A 39 -3.11 -10.17 21.52
N ALA A 40 -3.33 -9.77 20.27
CA ALA A 40 -2.36 -10.13 19.24
C ALA A 40 -1.71 -8.89 18.60
N TRP A 41 -0.49 -9.06 18.11
CA TRP A 41 0.21 -8.04 17.32
C TRP A 41 0.41 -8.45 15.86
N TYR A 42 0.08 -7.54 14.95
CA TYR A 42 0.33 -7.73 13.53
C TYR A 42 1.29 -6.68 12.95
N GLN A 43 2.22 -7.17 12.14
CA GLN A 43 3.06 -6.27 11.38
C GLN A 43 2.48 -6.15 9.98
N GLN A 44 2.30 -4.91 9.51
CA GLN A 44 1.86 -4.69 8.13
C GLN A 44 2.84 -3.81 7.35
N LYS A 45 3.65 -4.44 6.51
CA LYS A 45 4.62 -3.68 5.72
C LYS A 45 3.94 -2.97 4.55
N PRO A 46 4.55 -1.86 4.07
CA PRO A 46 4.00 -1.09 2.96
C PRO A 46 3.70 -2.00 1.79
N GLY A 47 2.50 -1.88 1.24
CA GLY A 47 2.11 -2.69 0.10
C GLY A 47 1.74 -4.11 0.46
N GLN A 48 2.00 -4.51 1.71
CA GLN A 48 1.78 -5.91 2.09
C GLN A 48 0.53 -6.11 2.94
N SER A 49 0.17 -7.37 3.14
CA SER A 49 -0.87 -7.75 4.06
C SER A 49 -0.30 -7.82 5.48
N PRO A 50 -1.19 -7.67 6.47
CA PRO A 50 -0.85 -7.87 7.87
C PRO A 50 -0.27 -9.25 8.08
N LYS A 51 0.78 -9.34 8.87
CA LYS A 51 1.35 -10.63 9.22
C LYS A 51 1.35 -10.75 10.73
N LEU A 52 1.08 -11.94 11.22
CA LEU A 52 1.00 -12.21 12.64
C LEU A 52 2.41 -12.19 13.23
N LEU A 53 2.55 -11.54 14.38
CA LEU A 53 3.82 -11.50 15.11
C LEU A 53 3.73 -12.16 16.49
N ILE A 54 2.69 -11.82 17.23
CA ILE A 54 2.58 -12.29 18.59
C ILE A 54 1.10 -12.54 18.87
N TYR A 55 0.82 -13.63 19.56
CA TYR A 55 -0.53 -13.90 20.05
C TYR A 55 -0.51 -14.19 21.56
N TRP A 56 -1.68 -14.18 22.19
CA TRP A 56 -1.74 -14.33 23.65
C TRP A 56 -0.73 -13.38 24.34
N ALA A 57 -0.63 -12.17 23.80
CA ALA A 57 0.19 -11.10 24.37
C ALA A 57 1.68 -11.37 24.26
N SER A 58 2.11 -12.56 24.66
CA SER A 58 3.53 -12.82 24.88
C SER A 58 4.11 -13.84 23.90
N THR A 59 3.23 -14.62 23.29
CA THR A 59 3.68 -15.74 22.50
C THR A 59 4.07 -15.26 21.12
N ARG A 60 5.33 -15.52 20.77
CA ARG A 60 5.87 -15.18 19.47
C ARG A 60 5.53 -16.29 18.48
N GLU A 61 5.14 -15.92 17.27
CA GLU A 61 4.78 -16.89 16.24
C GLU A 61 6.02 -17.38 15.50
N SER A 62 6.00 -18.63 15.09
CA SER A 62 7.16 -19.21 14.40
C SER A 62 7.63 -18.36 13.22
N GLY A 63 8.94 -18.32 13.01
CA GLY A 63 9.52 -17.54 11.94
C GLY A 63 9.87 -16.15 12.42
N VAL A 64 9.11 -15.64 13.39
CA VAL A 64 9.26 -14.27 13.88
C VAL A 64 10.55 -14.11 14.69
N PRO A 65 11.43 -13.21 14.24
CA PRO A 65 12.66 -12.88 14.95
C PRO A 65 12.44 -12.66 16.45
N ASP A 66 13.43 -13.04 17.25
CA ASP A 66 13.38 -12.88 18.70
C ASP A 66 13.50 -11.42 19.15
N ARG A 67 13.90 -10.52 18.25
CA ARG A 67 14.00 -9.12 18.62
C ARG A 67 12.61 -8.57 18.93
N PHE A 68 11.59 -9.28 18.46
CA PHE A 68 10.21 -8.90 18.70
C PHE A 68 9.68 -9.55 19.99
N THR A 69 9.42 -8.72 20.99
CA THR A 69 8.89 -9.21 22.25
C THR A 69 7.54 -8.57 22.59
N GLY A 70 6.52 -9.39 22.83
CA GLY A 70 5.23 -8.89 23.28
C GLY A 70 5.04 -8.97 24.78
N SER A 71 4.64 -7.87 25.41
CA SER A 71 4.52 -7.83 26.87
C SER A 71 3.22 -7.21 27.41
N GLY A 72 3.02 -7.35 28.72
CA GLY A 72 1.96 -6.65 29.43
C GLY A 72 0.82 -7.56 29.81
N SER A 73 -0.27 -6.97 30.28
CA SER A 73 -1.40 -7.75 30.77
C SER A 73 -2.56 -6.82 31.12
N GLY A 74 -3.74 -7.42 31.28
CA GLY A 74 -4.90 -6.66 31.68
C GLY A 74 -5.34 -5.74 30.57
N THR A 75 -5.11 -4.44 30.76
CA THR A 75 -5.46 -3.42 29.78
C THR A 75 -4.26 -2.76 29.11
N ASP A 76 -3.05 -3.13 29.51
CA ASP A 76 -1.86 -2.48 28.95
C ASP A 76 -0.86 -3.49 28.40
N PHE A 77 -0.47 -3.30 27.14
CA PHE A 77 0.32 -4.27 26.38
C PHE A 77 1.35 -3.52 25.57
N ALA A 78 2.45 -4.18 25.26
CA ALA A 78 3.55 -3.51 24.56
C ALA A 78 4.28 -4.43 23.61
N LEU A 79 4.64 -3.89 22.45
CA LEU A 79 5.46 -4.59 21.47
C LEU A 79 6.82 -3.95 21.48
N THR A 80 7.83 -4.70 21.91
CA THR A 80 9.19 -4.16 21.94
C THR A 80 10.00 -4.73 20.79
N ILE A 81 10.77 -3.88 20.13
CA ILE A 81 11.75 -4.30 19.13
C ILE A 81 13.16 -3.93 19.61
N SER A 82 13.94 -4.94 19.99
CA SER A 82 15.19 -4.74 20.76
C SER A 82 16.34 -4.15 19.96
N SER A 83 16.41 -4.47 18.68
CA SER A 83 17.48 -3.93 17.85
C SER A 83 16.93 -3.82 16.44
N VAL A 84 16.38 -2.66 16.13
CA VAL A 84 15.57 -2.46 14.93
C VAL A 84 16.37 -2.61 13.64
N GLN A 85 15.82 -3.39 12.71
CA GLN A 85 16.38 -3.53 11.36
C GLN A 85 15.60 -2.68 10.33
N ALA A 86 16.22 -2.41 9.19
CA ALA A 86 15.56 -1.61 8.16
C ALA A 86 14.26 -2.25 7.73
N GLU A 87 14.25 -3.59 7.70
CA GLU A 87 13.08 -4.36 7.28
C GLU A 87 11.87 -4.12 8.19
N ASP A 88 12.11 -3.51 9.34
CA ASP A 88 11.08 -3.36 10.37
C ASP A 88 10.09 -2.20 10.06
N LEU A 89 10.40 -1.42 9.03
CA LEU A 89 9.46 -0.42 8.51
C LEU A 89 8.05 -0.98 8.33
N ALA A 90 7.09 -0.52 9.12
CA ALA A 90 5.71 -0.98 8.98
C ALA A 90 4.72 -0.25 9.91
N VAL A 91 3.43 -0.54 9.76
CA VAL A 91 2.46 -0.21 10.79
C VAL A 91 2.24 -1.45 11.66
N TYR A 92 2.26 -1.24 12.96
CA TYR A 92 1.98 -2.33 13.86
C TYR A 92 0.61 -2.13 14.48
N TYR A 93 -0.19 -3.19 14.42
CA TYR A 93 -1.53 -3.23 15.02
C TYR A 93 -1.61 -4.21 16.20
N CYS A 94 -2.22 -3.74 17.27
CA CYS A 94 -2.68 -4.66 18.30
C CYS A 94 -4.17 -4.97 18.04
N LYS A 95 -4.61 -6.14 18.49
CA LYS A 95 -6.01 -6.56 18.30
C LYS A 95 -6.45 -7.49 19.43
N GLN A 96 -7.59 -7.17 20.05
CA GLN A 96 -8.13 -8.04 21.08
C GLN A 96 -9.00 -9.09 20.43
N SER A 97 -9.14 -10.24 21.07
CA SER A 97 -10.07 -11.27 20.61
C SER A 97 -10.86 -11.87 21.79
N TYR A 98 -10.90 -11.12 22.90
CA TYR A 98 -11.57 -11.57 24.12
C TYR A 98 -13.06 -11.38 23.98
N ASN A 99 -13.44 -10.43 23.14
CA ASN A 99 -14.84 -10.16 22.88
C ASN A 99 -15.04 -9.79 21.41
N LEU A 100 -15.16 -10.82 20.57
CA LEU A 100 -15.12 -10.65 19.12
C LEU A 100 -13.71 -10.23 18.71
N ARG A 101 -13.57 -9.29 17.79
CA ARG A 101 -12.26 -8.74 17.48
C ARG A 101 -12.26 -7.22 17.25
N THR A 102 -11.24 -6.55 17.79
CA THR A 102 -11.09 -5.11 17.58
C THR A 102 -9.63 -4.70 17.41
N PHE A 103 -9.32 -4.02 16.32
CA PHE A 103 -7.95 -3.54 16.08
C PHE A 103 -7.73 -2.18 16.74
N GLY A 104 -6.49 -1.90 17.10
CA GLY A 104 -6.08 -0.55 17.48
C GLY A 104 -5.85 0.27 16.23
N GLY A 105 -5.67 1.58 16.38
CA GLY A 105 -5.47 2.46 15.26
C GLY A 105 -4.10 2.35 14.60
N GLY A 106 -3.17 1.64 15.24
CA GLY A 106 -1.83 1.42 14.69
C GLY A 106 -0.71 2.35 15.17
N THR A 107 0.52 1.83 15.10
CA THR A 107 1.72 2.63 15.33
C THR A 107 2.57 2.53 14.07
N LYS A 108 2.83 3.66 13.42
CA LYS A 108 3.59 3.61 12.17
C LYS A 108 5.06 3.77 12.52
N LEU A 109 5.89 2.79 12.18
CA LEU A 109 7.31 2.89 12.53
C LEU A 109 8.18 3.27 11.33
N GLU A 110 8.80 4.44 11.41
CA GLU A 110 9.70 4.86 10.35
C GLU A 110 11.13 4.64 10.82
N ILE A 111 12.07 4.55 9.87
CA ILE A 111 13.48 4.39 10.21
C ILE A 111 14.26 5.70 10.03
N LYS A 112 15.10 6.07 11.00
CA LYS A 112 16.06 7.18 10.83
C LYS A 112 17.36 6.69 10.19
N ARG A 113 17.84 7.43 9.19
CA ARG A 113 19.12 7.12 8.57
C ARG A 113 19.83 8.44 8.30
N ALA A 114 21.07 8.35 7.83
CA ALA A 114 21.85 9.55 7.57
C ALA A 114 21.16 10.31 6.45
N ASP A 115 21.35 11.62 6.42
CA ASP A 115 20.83 12.40 5.32
C ASP A 115 21.44 11.91 3.99
N ALA A 116 20.62 11.83 2.94
CA ALA A 116 21.10 11.46 1.60
C ALA A 116 20.44 12.33 0.54
N ALA A 117 21.25 12.77 -0.43
CA ALA A 117 20.74 13.61 -1.52
C ALA A 117 19.99 12.80 -2.56
N PRO A 118 18.98 13.42 -3.19
CA PRO A 118 18.11 12.84 -4.22
C PRO A 118 18.86 12.72 -5.55
N THR A 119 18.63 11.63 -6.29
CA THR A 119 19.02 11.58 -7.69
C THR A 119 17.82 12.07 -8.46
N VAL A 120 18.01 13.03 -9.36
CA VAL A 120 16.91 13.66 -10.06
C VAL A 120 16.89 13.39 -11.55
N SER A 121 15.74 12.95 -12.06
CA SER A 121 15.59 12.69 -13.49
C SER A 121 14.36 13.40 -14.05
N ILE A 122 14.54 14.01 -15.22
CA ILE A 122 13.47 14.72 -15.88
C ILE A 122 13.11 14.02 -17.21
N PHE A 123 11.82 14.05 -17.58
CA PHE A 123 11.34 13.35 -18.78
C PHE A 123 10.28 14.17 -19.49
N PRO A 124 10.52 14.46 -20.79
CA PRO A 124 9.57 15.17 -21.65
C PRO A 124 8.38 14.29 -22.02
N PRO A 125 7.23 14.92 -22.38
CA PRO A 125 6.06 14.19 -22.86
C PRO A 125 6.41 13.21 -23.98
N SER A 126 5.78 12.04 -23.99
CA SER A 126 5.92 11.10 -25.12
C SER A 126 5.19 11.65 -26.34
N SER A 127 5.63 11.28 -27.54
CA SER A 127 4.92 11.79 -28.73
C SER A 127 3.52 11.20 -28.80
N GLU A 128 3.34 10.02 -28.22
CA GLU A 128 2.02 9.38 -28.09
C GLU A 128 1.01 10.28 -27.34
N GLN A 129 1.40 10.75 -26.16
CA GLN A 129 0.53 11.64 -25.39
C GLN A 129 0.29 12.94 -26.17
N LEU A 130 1.37 13.48 -26.73
CA LEU A 130 1.26 14.73 -27.48
C LEU A 130 0.22 14.66 -28.60
N THR A 131 0.31 13.64 -29.45
CA THR A 131 -0.62 13.56 -30.59
C THR A 131 -2.05 13.49 -30.09
N SER A 132 -2.23 13.01 -28.86
CA SER A 132 -3.56 12.93 -28.28
C SER A 132 -3.98 14.27 -27.66
N GLY A 133 -3.05 15.21 -27.62
CA GLY A 133 -3.35 16.57 -27.18
C GLY A 133 -2.88 16.97 -25.79
N GLY A 134 -2.14 16.09 -25.11
CA GLY A 134 -1.67 16.38 -23.77
C GLY A 134 -0.17 16.38 -23.61
N ALA A 135 0.31 16.95 -22.51
CA ALA A 135 1.75 17.05 -22.27
C ALA A 135 2.02 16.92 -20.78
N SER A 136 2.43 15.74 -20.36
CA SER A 136 2.82 15.57 -18.99
C SER A 136 4.33 15.57 -18.94
N VAL A 137 4.90 16.42 -18.09
CA VAL A 137 6.35 16.46 -17.87
C VAL A 137 6.55 15.83 -16.49
N VAL A 138 7.53 14.93 -16.37
CA VAL A 138 7.66 14.16 -15.14
C VAL A 138 9.06 14.24 -14.56
N CYS A 139 9.14 14.28 -13.24
CA CYS A 139 10.42 14.38 -12.59
C CYS A 139 10.55 13.37 -11.45
N PHE A 140 11.62 12.58 -11.46
CA PHE A 140 11.90 11.67 -10.34
C PHE A 140 13.00 12.19 -9.41
N LEU A 141 12.65 12.27 -8.14
CA LEU A 141 13.62 12.54 -7.10
C LEU A 141 13.74 11.23 -6.30
N ASN A 142 14.77 10.45 -6.61
CA ASN A 142 14.92 9.14 -5.96
C ASN A 142 15.95 9.03 -4.85
N ASN A 143 15.60 8.16 -3.91
CA ASN A 143 16.48 7.65 -2.86
C ASN A 143 17.15 8.72 -2.01
N PHE A 144 16.36 9.62 -1.45
CA PHE A 144 16.88 10.67 -0.57
C PHE A 144 16.40 10.53 0.88
N TYR A 145 17.11 11.17 1.80
CA TYR A 145 16.70 11.35 3.20
C TYR A 145 17.19 12.72 3.68
N PRO A 146 16.36 13.40 4.48
CA PRO A 146 15.04 12.89 4.89
C PRO A 146 13.90 13.23 3.91
N LYS A 147 12.70 12.80 4.27
CA LYS A 147 11.49 12.95 3.46
C LYS A 147 11.20 14.36 2.98
N ASP A 148 11.31 15.33 3.88
CA ASP A 148 11.01 16.72 3.57
C ASP A 148 11.79 17.17 2.32
N ILE A 149 11.10 17.70 1.31
CA ILE A 149 11.77 18.10 0.07
C ILE A 149 10.87 19.00 -0.78
N ASN A 150 11.45 19.99 -1.42
CA ASN A 150 10.67 20.92 -2.23
C ASN A 150 11.05 20.85 -3.71
N VAL A 151 10.07 20.71 -4.59
CA VAL A 151 10.31 20.75 -6.03
C VAL A 151 9.87 22.06 -6.65
N LYS A 152 10.68 22.60 -7.56
CA LYS A 152 10.24 23.74 -8.34
C LYS A 152 10.27 23.43 -9.83
N TRP A 153 9.14 23.67 -10.48
CA TRP A 153 9.06 23.61 -11.94
C TRP A 153 9.21 25.03 -12.50
N LYS A 154 10.09 25.18 -13.47
CA LYS A 154 10.31 26.48 -14.08
C LYS A 154 10.29 26.34 -15.59
N ILE A 155 9.42 27.13 -16.23
CA ILE A 155 9.29 27.15 -17.68
C ILE A 155 9.82 28.45 -18.24
N ASP A 156 10.84 28.35 -19.08
CA ASP A 156 11.57 29.50 -19.55
C ASP A 156 11.92 30.42 -18.37
N GLY A 157 12.37 29.80 -17.28
CA GLY A 157 12.92 30.51 -16.14
C GLY A 157 11.90 31.01 -15.14
N SER A 158 10.63 30.86 -15.46
CA SER A 158 9.54 31.34 -14.58
C SER A 158 8.82 30.18 -13.91
N GLU A 159 8.64 30.29 -12.60
CA GLU A 159 8.05 29.23 -11.79
C GLU A 159 6.57 29.04 -12.10
N ARG A 160 6.21 27.88 -12.62
CA ARG A 160 4.80 27.54 -12.75
C ARG A 160 4.47 26.59 -11.61
N ALA A 161 3.31 26.77 -10.99
CA ALA A 161 2.95 25.94 -9.85
C ALA A 161 1.54 25.34 -9.96
N ASN A 162 0.87 25.60 -11.08
CA ASN A 162 -0.41 24.95 -11.36
C ASN A 162 -0.23 23.81 -12.36
N GLY A 163 -1.04 22.76 -12.24
CA GLY A 163 -0.86 21.57 -13.06
C GLY A 163 0.16 20.59 -12.47
N VAL A 164 0.72 20.95 -11.32
CA VAL A 164 1.74 20.12 -10.70
C VAL A 164 1.17 19.21 -9.62
N LEU A 165 1.33 17.90 -9.81
CA LEU A 165 1.02 16.93 -8.76
C LEU A 165 2.26 16.13 -8.29
N ASN A 166 2.35 15.97 -6.98
CA ASN A 166 3.48 15.32 -6.34
C ASN A 166 3.08 14.05 -5.62
N SER A 167 3.98 13.07 -5.60
CA SER A 167 3.68 11.80 -4.96
C SER A 167 4.94 11.18 -4.32
N TRP A 168 4.87 10.91 -3.03
CA TRP A 168 5.95 10.30 -2.29
C TRP A 168 5.74 8.80 -2.17
N THR A 169 6.82 8.03 -2.23
CA THR A 169 6.73 6.61 -1.92
C THR A 169 6.75 6.35 -0.42
N ASP A 170 6.25 5.18 0.01
CA ASP A 170 6.54 4.72 1.36
C ASP A 170 8.06 4.72 1.45
N GLN A 171 8.59 4.72 2.67
CA GLN A 171 10.02 4.58 2.89
C GLN A 171 10.53 3.22 2.36
N ASP A 172 11.73 3.17 1.77
CA ASP A 172 12.25 1.91 1.22
C ASP A 172 12.63 0.88 2.31
N SER A 173 12.29 -0.38 2.12
CA SER A 173 12.50 -1.36 3.20
C SER A 173 13.94 -1.83 3.35
N LYS A 174 14.76 -1.55 2.34
CA LYS A 174 16.14 -1.98 2.36
C LYS A 174 17.04 -0.81 2.75
N ASP A 175 17.04 0.26 1.96
CA ASP A 175 17.98 1.37 2.16
C ASP A 175 17.41 2.57 2.92
N SER A 176 16.16 2.43 3.37
CA SER A 176 15.48 3.45 4.19
C SER A 176 15.35 4.84 3.55
N THR A 177 15.40 4.92 2.23
CA THR A 177 15.16 6.20 1.57
C THR A 177 13.72 6.41 1.13
N TYR A 178 13.49 7.59 0.58
CA TYR A 178 12.21 7.97 0.02
C TYR A 178 12.47 8.42 -1.39
N SER A 179 11.47 8.27 -2.21
CA SER A 179 11.51 8.79 -3.56
C SER A 179 10.24 9.58 -3.71
N MET A 180 10.29 10.57 -4.59
CA MET A 180 9.15 11.40 -4.89
C MET A 180 9.05 11.59 -6.39
N THR A 181 7.82 11.57 -6.90
CA THR A 181 7.55 11.87 -8.30
C THR A 181 6.79 13.22 -8.38
N SER A 182 7.09 14.01 -9.41
CA SER A 182 6.37 15.26 -9.66
C SER A 182 6.02 15.39 -11.13
N THR A 183 4.72 15.47 -11.41
CA THR A 183 4.22 15.57 -12.77
C THR A 183 3.52 16.90 -13.00
N LEU A 184 4.04 17.67 -13.95
CA LEU A 184 3.36 18.87 -14.41
C LEU A 184 2.60 18.54 -15.69
N THR A 185 1.31 18.87 -15.71
CA THR A 185 0.43 18.57 -16.83
C THR A 185 -0.01 19.83 -17.56
N LEU A 186 0.14 19.82 -18.87
CA LEU A 186 -0.25 20.94 -19.72
C LEU A 186 -0.95 20.41 -20.95
N THR A 187 -1.66 21.29 -21.64
CA THR A 187 -2.14 20.98 -22.98
C THR A 187 -0.93 20.98 -23.90
N LYS A 188 -0.98 20.20 -24.97
CA LYS A 188 0.08 20.22 -25.97
C LYS A 188 0.37 21.64 -26.44
N ASP A 189 -0.69 22.40 -26.72
CA ASP A 189 -0.52 23.75 -27.23
C ASP A 189 0.33 24.60 -26.29
N GLU A 190 -0.03 24.63 -25.00
CA GLU A 190 0.74 25.44 -24.06
C GLU A 190 2.18 24.97 -24.01
N TYR A 191 2.38 23.65 -24.08
CA TYR A 191 3.70 23.05 -24.04
C TYR A 191 4.56 23.57 -25.18
N GLU A 192 3.92 23.76 -26.34
CA GLU A 192 4.58 24.20 -27.57
C GLU A 192 4.92 25.70 -27.59
N ARG A 193 4.36 26.47 -26.65
CA ARG A 193 4.65 27.90 -26.55
C ARG A 193 5.94 28.20 -25.77
N HIS A 194 6.62 27.16 -25.29
CA HIS A 194 7.78 27.38 -24.42
C HIS A 194 8.96 26.45 -24.71
N ASN A 195 10.16 26.89 -24.32
CA ASN A 195 11.39 26.24 -24.74
C ASN A 195 12.04 25.34 -23.69
N SER A 196 12.11 25.80 -22.45
CA SER A 196 12.96 25.17 -21.44
C SER A 196 12.18 24.65 -20.25
N TYR A 197 12.40 23.39 -19.92
CA TYR A 197 11.66 22.76 -18.84
C TYR A 197 12.62 22.28 -17.77
N THR A 198 12.36 22.72 -16.54
CA THR A 198 13.29 22.51 -15.44
C THR A 198 12.65 22.01 -14.16
N CYS A 199 13.21 20.91 -13.68
CA CYS A 199 12.86 20.37 -12.40
C CYS A 199 13.95 20.81 -11.40
N GLU A 200 13.56 21.61 -10.43
CA GLU A 200 14.51 22.09 -9.45
C GLU A 200 14.25 21.44 -8.08
N ALA A 201 15.22 20.65 -7.63
CA ALA A 201 15.10 19.92 -6.37
C ALA A 201 15.85 20.62 -5.23
N SER A 202 15.08 21.02 -4.21
CA SER A 202 15.63 21.66 -3.02
C SER A 202 15.56 20.77 -1.77
N HIS A 203 16.72 20.25 -1.37
CA HIS A 203 16.81 19.34 -0.23
C HIS A 203 17.89 19.82 0.73
N LYS A 204 17.72 19.55 2.01
CA LYS A 204 18.67 20.06 3.00
C LYS A 204 20.09 19.48 2.80
N THR A 205 20.23 18.46 1.97
CA THR A 205 21.57 17.89 1.70
C THR A 205 22.52 18.84 0.92
N SER A 206 21.99 19.92 0.38
CA SER A 206 22.81 20.92 -0.29
C SER A 206 22.11 22.27 -0.33
N THR A 207 22.87 23.34 -0.13
CA THR A 207 22.30 24.69 -0.20
C THR A 207 21.86 24.98 -1.63
N SER A 208 22.44 24.27 -2.59
CA SER A 208 22.15 24.49 -4.00
C SER A 208 21.13 23.46 -4.52
N PRO A 209 20.12 23.95 -5.26
CA PRO A 209 19.13 23.05 -5.87
C PRO A 209 19.78 22.05 -6.81
N ILE A 210 19.18 20.88 -6.98
CA ILE A 210 19.60 19.98 -8.06
C ILE A 210 18.75 20.41 -9.26
N VAL A 211 19.37 20.52 -10.41
CA VAL A 211 18.68 21.10 -11.55
C VAL A 211 18.75 20.19 -12.76
N LYS A 212 17.62 19.63 -13.14
CA LYS A 212 17.56 18.86 -14.38
C LYS A 212 16.67 19.60 -15.39
N SER A 213 17.15 19.76 -16.61
CA SER A 213 16.43 20.49 -17.65
C SER A 213 16.44 19.77 -18.98
N PHE A 214 15.43 20.03 -19.80
CA PHE A 214 15.45 19.61 -21.20
C PHE A 214 14.89 20.77 -22.01
N ASN A 215 15.19 20.79 -23.30
CA ASN A 215 14.60 21.78 -24.18
C ASN A 215 13.66 21.03 -25.09
N ARG A 216 12.46 21.58 -25.34
CA ARG A 216 11.51 20.94 -26.25
C ARG A 216 12.21 20.59 -27.57
N ASN A 217 13.41 21.15 -27.75
CA ASN A 217 14.38 20.69 -28.75
C ASN A 217 14.44 19.18 -28.84
N GLU B 1 0.14 -26.24 0.89
CA GLU B 1 0.43 -25.03 1.65
C GLU B 1 -0.77 -24.08 1.72
N VAL B 2 -0.92 -23.43 2.87
CA VAL B 2 -2.09 -22.57 3.11
C VAL B 2 -2.19 -21.43 2.09
N LYS B 3 -3.38 -21.27 1.53
CA LYS B 3 -3.65 -20.15 0.64
C LYS B 3 -4.99 -19.52 0.97
N LEU B 4 -5.04 -18.19 0.88
CA LEU B 4 -6.32 -17.46 0.92
C LEU B 4 -6.33 -16.42 -0.18
N VAL B 5 -7.39 -16.41 -0.98
CA VAL B 5 -7.46 -15.47 -2.11
C VAL B 5 -8.83 -14.77 -2.19
N GLU B 6 -8.82 -13.45 -2.07
CA GLU B 6 -10.04 -12.65 -2.17
C GLU B 6 -10.29 -12.25 -3.62
N SER B 7 -11.56 -12.07 -3.96
CA SER B 7 -11.95 -11.73 -5.31
C SER B 7 -13.30 -11.02 -5.27
N GLY B 8 -13.63 -10.27 -6.31
CA GLY B 8 -14.91 -9.60 -6.39
C GLY B 8 -14.78 -8.09 -6.25
N GLY B 9 -13.59 -7.64 -5.86
CA GLY B 9 -13.35 -6.21 -5.65
C GLY B 9 -13.48 -5.40 -6.92
N GLY B 10 -13.65 -4.08 -6.76
CA GLY B 10 -13.78 -3.18 -7.89
C GLY B 10 -14.74 -2.06 -7.58
N LEU B 11 -15.22 -1.39 -8.63
CA LEU B 11 -16.06 -0.21 -8.48
C LEU B 11 -17.54 -0.55 -8.32
N VAL B 12 -18.17 -0.02 -7.27
CA VAL B 12 -19.62 -0.17 -7.12
C VAL B 12 -20.22 1.22 -6.87
N GLN B 13 -21.37 1.49 -7.47
CA GLN B 13 -22.01 2.79 -7.26
C GLN B 13 -22.59 2.88 -5.85
N PRO B 14 -22.61 4.08 -5.29
CA PRO B 14 -23.16 4.26 -3.94
C PRO B 14 -24.65 3.85 -3.87
N GLY B 15 -25.01 3.14 -2.80
CA GLY B 15 -26.32 2.55 -2.66
C GLY B 15 -26.31 1.13 -3.22
N GLY B 16 -25.31 0.88 -4.03
CA GLY B 16 -25.13 -0.44 -4.62
C GLY B 16 -24.77 -1.53 -3.63
N SER B 17 -24.85 -2.76 -4.13
CA SER B 17 -24.37 -3.95 -3.42
C SER B 17 -23.22 -4.64 -4.16
N LEU B 18 -22.55 -5.52 -3.43
CA LEU B 18 -21.41 -6.25 -3.95
C LEU B 18 -21.18 -7.45 -3.04
N ARG B 19 -20.79 -8.56 -3.65
CA ARG B 19 -20.36 -9.71 -2.87
C ARG B 19 -18.91 -10.04 -3.21
N LEU B 20 -18.11 -10.24 -2.17
CA LEU B 20 -16.74 -10.65 -2.33
C LEU B 20 -16.61 -12.12 -2.04
N ALA B 21 -15.65 -12.77 -2.68
CA ALA B 21 -15.34 -14.15 -2.32
C ALA B 21 -13.90 -14.34 -1.80
N CYS B 22 -13.74 -15.41 -1.05
CA CYS B 22 -12.47 -15.77 -0.49
C CYS B 22 -12.26 -17.28 -0.68
N ALA B 23 -11.45 -17.64 -1.66
CA ALA B 23 -11.06 -19.04 -1.88
C ALA B 23 -9.84 -19.39 -1.03
N THR B 24 -9.87 -20.57 -0.40
CA THR B 24 -8.79 -21.04 0.46
C THR B 24 -8.32 -22.43 0.04
N SER B 25 -7.24 -22.92 0.66
CA SER B 25 -6.64 -24.18 0.27
C SER B 25 -5.42 -24.48 1.13
N GLY B 26 -5.11 -25.76 1.36
CA GLY B 26 -3.92 -26.14 2.10
C GLY B 26 -4.10 -26.24 3.60
N PHE B 27 -5.35 -26.22 4.03
CA PHE B 27 -5.67 -26.46 5.42
C PHE B 27 -7.09 -26.99 5.52
N THR B 28 -7.47 -27.47 6.69
CA THR B 28 -8.76 -28.10 6.84
C THR B 28 -9.82 -27.03 7.16
N PHE B 29 -10.45 -26.52 6.10
CA PHE B 29 -11.42 -25.40 6.17
C PHE B 29 -12.45 -25.39 7.33
N THR B 30 -13.20 -26.47 7.48
CA THR B 30 -14.30 -26.53 8.47
C THR B 30 -13.86 -26.42 9.94
N ASP B 31 -12.56 -26.60 10.18
CA ASP B 31 -12.04 -26.51 11.54
C ASP B 31 -11.91 -25.06 12.03
N TYR B 32 -11.93 -24.11 11.09
CA TYR B 32 -11.62 -22.71 11.39
C TYR B 32 -12.78 -21.72 11.31
N TYR B 33 -12.82 -20.80 12.27
CA TYR B 33 -13.55 -19.57 12.11
C TYR B 33 -12.88 -18.87 10.93
N MET B 34 -13.62 -18.03 10.22
CA MET B 34 -13.00 -17.23 9.18
C MET B 34 -13.43 -15.80 9.38
N SER B 35 -12.50 -14.87 9.23
CA SER B 35 -12.76 -13.45 9.48
C SER B 35 -12.61 -12.62 8.21
N TRP B 36 -13.39 -11.53 8.13
CA TRP B 36 -13.22 -10.48 7.14
C TRP B 36 -12.77 -9.20 7.88
N VAL B 37 -11.81 -8.51 7.27
CA VAL B 37 -11.25 -7.29 7.83
C VAL B 37 -11.08 -6.32 6.68
N ARG B 38 -11.32 -5.03 6.91
CA ARG B 38 -11.13 -4.05 5.86
C ARG B 38 -10.15 -2.97 6.26
N GLN B 39 -9.80 -2.16 5.28
CA GLN B 39 -8.85 -1.10 5.52
C GLN B 39 -8.92 0.00 4.47
N PRO B 40 -9.59 1.11 4.81
CA PRO B 40 -9.58 2.29 3.94
C PRO B 40 -8.15 2.69 3.72
N PRO B 41 -7.82 3.11 2.49
CA PRO B 41 -6.42 3.34 2.14
C PRO B 41 -5.81 4.37 3.07
N GLY B 42 -4.57 4.13 3.52
CA GLY B 42 -3.90 5.02 4.45
C GLY B 42 -4.51 5.00 5.84
N LYS B 43 -5.26 3.94 6.16
CA LYS B 43 -6.00 3.93 7.41
C LYS B 43 -5.89 2.61 8.16
N ALA B 44 -6.63 2.51 9.26
CA ALA B 44 -6.51 1.37 10.15
C ALA B 44 -7.28 0.16 9.65
N LEU B 45 -6.89 -1.02 10.12
CA LEU B 45 -7.67 -2.22 9.90
C LEU B 45 -8.95 -2.13 10.71
N GLU B 46 -9.99 -2.80 10.22
CA GLU B 46 -11.24 -2.91 10.95
C GLU B 46 -11.78 -4.31 10.79
N TRP B 47 -11.95 -5.03 11.89
CA TRP B 47 -12.60 -6.34 11.83
C TRP B 47 -14.10 -6.17 11.60
N LEU B 48 -14.70 -6.97 10.73
CA LEU B 48 -16.13 -6.78 10.44
C LEU B 48 -17.01 -7.93 10.90
N GLY B 49 -16.44 -9.13 10.93
CA GLY B 49 -17.23 -10.27 11.35
C GLY B 49 -16.50 -11.57 11.10
N PHE B 50 -17.00 -12.63 11.72
CA PHE B 50 -16.54 -13.97 11.39
C PHE B 50 -17.73 -14.93 11.27
N ILE B 51 -17.44 -16.11 10.74
CA ILE B 51 -18.38 -17.22 10.82
C ILE B 51 -17.59 -18.36 11.45
N ARG B 52 -18.09 -18.85 12.57
CA ARG B 52 -17.41 -19.89 13.34
C ARG B 52 -17.23 -21.18 12.54
N ASN B 53 -16.43 -22.10 13.11
CA ASN B 53 -16.16 -23.39 12.50
C ASN B 53 -17.29 -24.41 12.64
N LYS B 54 -16.96 -25.66 12.32
CA LYS B 54 -17.90 -26.78 12.39
C LYS B 54 -18.26 -27.15 13.82
N ALA B 55 -17.30 -27.01 14.73
CA ALA B 55 -17.58 -27.25 16.15
C ALA B 55 -18.72 -26.36 16.67
N LYS B 56 -18.72 -25.10 16.27
CA LYS B 56 -19.74 -24.19 16.77
C LYS B 56 -20.91 -24.01 15.81
N GLY B 57 -21.01 -24.89 14.81
CA GLY B 57 -22.07 -24.85 13.83
C GLY B 57 -22.12 -23.64 12.90
N TYR B 58 -20.95 -23.16 12.48
CA TYR B 58 -20.83 -22.09 11.47
C TYR B 58 -21.73 -20.87 11.68
N THR B 59 -21.82 -20.38 12.92
CA THR B 59 -22.54 -19.16 13.20
C THR B 59 -21.74 -17.89 12.88
N THR B 60 -22.45 -16.79 12.67
CA THR B 60 -21.82 -15.54 12.31
C THR B 60 -21.89 -14.49 13.43
N GLU B 61 -20.85 -13.67 13.50
CA GLU B 61 -20.81 -12.49 14.37
C GLU B 61 -20.42 -11.28 13.53
N TYR B 62 -20.84 -10.09 13.95
CA TYR B 62 -20.57 -8.87 13.19
C TYR B 62 -20.14 -7.70 14.07
N SER B 63 -19.34 -6.79 13.51
CA SER B 63 -19.04 -5.55 14.21
C SER B 63 -20.27 -4.66 14.06
N ALA B 64 -20.51 -3.85 15.09
CA ALA B 64 -21.68 -2.95 15.11
C ALA B 64 -21.75 -2.05 13.87
N SER B 65 -20.60 -1.68 13.32
CA SER B 65 -20.54 -0.80 12.15
C SER B 65 -21.11 -1.42 10.86
N VAL B 66 -21.19 -2.75 10.79
CA VAL B 66 -21.77 -3.39 9.61
C VAL B 66 -22.90 -4.40 9.93
N LYS B 67 -23.14 -4.63 11.23
CA LYS B 67 -24.19 -5.56 11.70
C LYS B 67 -25.56 -5.19 11.11
N GLY B 68 -26.11 -6.06 10.28
CA GLY B 68 -27.37 -5.79 9.62
C GLY B 68 -27.21 -5.37 8.16
N ARG B 69 -26.05 -4.83 7.82
CA ARG B 69 -25.80 -4.38 6.44
C ARG B 69 -24.94 -5.39 5.68
N PHE B 70 -24.09 -6.13 6.40
CA PHE B 70 -23.18 -7.10 5.78
C PHE B 70 -23.49 -8.51 6.23
N THR B 71 -23.29 -9.46 5.32
CA THR B 71 -23.59 -10.87 5.57
C THR B 71 -22.43 -11.80 5.21
N ILE B 72 -22.11 -12.70 6.13
CA ILE B 72 -21.05 -13.67 5.93
C ILE B 72 -21.61 -15.06 5.79
N SER B 73 -21.05 -15.81 4.86
CA SER B 73 -21.45 -17.19 4.64
C SER B 73 -20.25 -17.95 4.05
N ARG B 74 -20.25 -19.27 4.24
CA ARG B 74 -19.18 -20.14 3.72
C ARG B 74 -19.78 -21.31 2.96
N ASP B 75 -19.03 -21.80 1.98
CA ASP B 75 -19.40 -23.01 1.26
C ASP B 75 -18.36 -24.07 1.62
N ASN B 76 -18.75 -24.99 2.49
CA ASN B 76 -17.81 -25.95 3.05
C ASN B 76 -17.39 -27.06 2.08
N SER B 77 -18.18 -27.28 1.03
CA SER B 77 -17.80 -28.23 -0.02
C SER B 77 -16.64 -27.69 -0.85
N GLN B 78 -16.55 -26.37 -0.90
CA GLN B 78 -15.53 -25.71 -1.71
C GLN B 78 -14.40 -25.00 -0.95
N SER B 79 -14.47 -24.97 0.38
CA SER B 79 -13.44 -24.27 1.15
C SER B 79 -13.37 -22.80 0.70
N SER B 80 -14.52 -22.14 0.79
CA SER B 80 -14.73 -20.80 0.24
C SER B 80 -15.59 -19.99 1.19
N LEU B 81 -15.27 -18.70 1.27
CA LEU B 81 -15.93 -17.77 2.19
C LEU B 81 -16.44 -16.53 1.43
N TYR B 82 -17.59 -15.98 1.87
CA TYR B 82 -18.19 -14.81 1.23
C TYR B 82 -18.53 -13.65 2.16
N LEU B 83 -18.52 -12.46 1.57
CA LEU B 83 -19.02 -11.28 2.25
C LEU B 83 -20.01 -10.59 1.32
N GLN B 84 -21.28 -10.66 1.68
CA GLN B 84 -22.29 -9.93 0.95
C GLN B 84 -22.43 -8.53 1.53
N MET B 85 -22.27 -7.51 0.69
CA MET B 85 -22.29 -6.12 1.16
C MET B 85 -23.44 -5.33 0.55
N ASN B 86 -24.26 -4.74 1.40
CA ASN B 86 -25.42 -4.00 0.94
C ASN B 86 -25.32 -2.52 1.22
N THR B 87 -26.03 -1.75 0.40
CA THR B 87 -26.28 -0.34 0.69
C THR B 87 -24.95 0.34 0.94
N LEU B 88 -24.01 0.15 0.01
CA LEU B 88 -22.66 0.68 0.17
C LEU B 88 -22.57 2.19 0.14
N ARG B 89 -21.69 2.70 1.00
CA ARG B 89 -21.34 4.11 1.04
C ARG B 89 -19.83 4.28 0.93
N ALA B 90 -19.43 5.53 0.63
CA ALA B 90 -18.05 5.93 0.44
C ALA B 90 -17.05 5.37 1.47
N GLU B 91 -17.46 5.33 2.74
CA GLU B 91 -16.59 4.83 3.82
C GLU B 91 -16.46 3.32 3.79
N ASP B 92 -17.16 2.68 2.86
CA ASP B 92 -17.03 1.24 2.67
C ASP B 92 -15.86 0.97 1.70
N SER B 93 -15.43 2.03 1.02
CA SER B 93 -14.28 1.98 0.12
C SER B 93 -13.04 1.56 0.86
N ALA B 94 -12.46 0.42 0.48
CA ALA B 94 -11.35 -0.11 1.27
C ALA B 94 -10.86 -1.45 0.72
N THR B 95 -9.65 -1.82 1.13
CA THR B 95 -9.18 -3.17 0.83
C THR B 95 -9.82 -4.13 1.81
N TYR B 96 -10.30 -5.24 1.27
CA TYR B 96 -10.95 -6.24 2.09
C TYR B 96 -10.14 -7.54 2.16
N TYR B 97 -9.95 -8.03 3.37
CA TYR B 97 -9.11 -9.18 3.62
C TYR B 97 -9.92 -10.34 4.18
N CYS B 98 -9.74 -11.54 3.65
CA CYS B 98 -10.20 -12.68 4.44
C CYS B 98 -9.05 -13.12 5.32
N ALA B 99 -9.35 -13.67 6.49
CA ALA B 99 -8.30 -14.12 7.38
C ALA B 99 -8.77 -15.35 8.12
N ARG B 100 -7.90 -16.35 8.21
CA ARG B 100 -8.16 -17.53 9.03
C ARG B 100 -8.16 -17.16 10.51
N ASP B 101 -9.23 -17.55 11.19
CA ASP B 101 -9.45 -17.14 12.57
C ASP B 101 -9.34 -18.35 13.50
N HIS B 102 -10.13 -18.32 14.57
CA HIS B 102 -10.09 -19.31 15.64
C HIS B 102 -10.20 -20.74 15.12
N ASP B 103 -9.57 -21.68 15.81
CA ASP B 103 -9.74 -23.10 15.49
C ASP B 103 -10.13 -23.95 16.70
N GLY B 104 -10.30 -23.29 17.85
CA GLY B 104 -10.56 -24.01 19.09
C GLY B 104 -9.46 -23.78 20.11
N TYR B 105 -8.20 -23.89 19.67
CA TYR B 105 -7.06 -23.57 20.51
C TYR B 105 -6.64 -22.10 20.35
N TYR B 106 -5.77 -21.83 19.37
CA TYR B 106 -5.07 -20.55 19.26
C TYR B 106 -5.95 -19.34 19.04
N GLU B 107 -5.51 -18.20 19.57
CA GLU B 107 -6.18 -16.92 19.35
C GLU B 107 -5.34 -16.05 18.40
N ARG B 108 -5.35 -16.39 17.12
CA ARG B 108 -4.50 -15.72 16.15
C ARG B 108 -5.14 -15.71 14.77
N PHE B 109 -4.94 -14.63 14.04
CA PHE B 109 -5.24 -14.63 12.61
C PHE B 109 -3.93 -15.08 12.02
N ALA B 110 -3.79 -16.39 11.83
CA ALA B 110 -2.52 -16.96 11.37
C ALA B 110 -2.21 -16.58 9.93
N TYR B 111 -3.23 -16.52 9.09
CA TYR B 111 -2.99 -16.24 7.67
C TYR B 111 -3.94 -15.20 7.10
N TRP B 112 -3.44 -14.37 6.19
CA TRP B 112 -4.32 -13.43 5.51
C TRP B 112 -4.14 -13.50 4.00
N GLY B 113 -5.20 -13.20 3.26
CA GLY B 113 -5.14 -13.14 1.81
C GLY B 113 -4.53 -11.83 1.33
N GLN B 114 -4.54 -11.61 0.03
CA GLN B 114 -3.86 -10.45 -0.53
C GLN B 114 -4.76 -9.22 -0.41
N GLY B 115 -6.05 -9.47 -0.25
CA GLY B 115 -7.01 -8.40 -0.17
C GLY B 115 -7.53 -8.00 -1.54
N THR B 116 -8.77 -7.52 -1.56
CA THR B 116 -9.30 -6.96 -2.81
C THR B 116 -9.91 -5.58 -2.54
N LEU B 117 -9.62 -4.62 -3.42
CA LEU B 117 -9.98 -3.21 -3.22
C LEU B 117 -11.38 -2.86 -3.72
N VAL B 118 -12.19 -2.25 -2.87
CA VAL B 118 -13.55 -1.85 -3.26
C VAL B 118 -13.70 -0.33 -3.19
N THR B 119 -14.13 0.25 -4.30
CA THR B 119 -14.31 1.68 -4.40
C THR B 119 -15.78 1.95 -4.58
N VAL B 120 -16.35 2.75 -3.70
CA VAL B 120 -17.75 3.10 -3.85
C VAL B 120 -17.79 4.51 -4.39
N SER B 121 -18.12 4.65 -5.67
CA SER B 121 -18.07 5.96 -6.33
C SER B 121 -19.05 5.98 -7.49
N ALA B 122 -19.66 7.14 -7.72
CA ALA B 122 -20.55 7.35 -8.88
C ALA B 122 -19.72 7.50 -10.16
N ALA B 123 -18.42 7.71 -9.97
CA ALA B 123 -17.49 7.86 -11.07
C ALA B 123 -17.43 6.59 -11.91
N ALA B 124 -16.98 6.75 -13.15
CA ALA B 124 -17.04 5.69 -14.15
C ALA B 124 -15.66 5.06 -14.37
N THR B 125 -15.68 3.75 -14.60
CA THR B 125 -14.48 3.03 -14.93
C THR B 125 -13.80 3.65 -16.13
N THR B 126 -12.54 3.99 -15.94
CA THR B 126 -11.75 4.54 -17.04
C THR B 126 -10.42 3.80 -17.18
N PRO B 127 -10.14 3.31 -18.37
CA PRO B 127 -8.89 2.61 -18.64
C PRO B 127 -7.72 3.60 -18.68
N PRO B 128 -6.53 3.16 -18.27
CA PRO B 128 -5.38 4.07 -18.22
C PRO B 128 -4.79 4.28 -19.61
N SER B 129 -4.08 5.38 -19.80
CA SER B 129 -3.21 5.53 -20.97
C SER B 129 -1.81 5.35 -20.43
N VAL B 130 -0.98 4.59 -21.13
CA VAL B 130 0.35 4.35 -20.59
C VAL B 130 1.44 4.96 -21.46
N TYR B 131 2.26 5.81 -20.87
CA TYR B 131 3.26 6.54 -21.64
C TYR B 131 4.69 6.25 -21.16
N PRO B 132 5.62 6.05 -22.11
CA PRO B 132 7.04 5.85 -21.83
C PRO B 132 7.71 7.11 -21.27
N LEU B 133 8.56 6.91 -20.27
CA LEU B 133 9.38 8.00 -19.77
C LEU B 133 10.80 7.65 -20.16
N ALA B 134 11.31 8.30 -21.20
CA ALA B 134 12.68 8.08 -21.62
C ALA B 134 13.46 9.37 -21.54
N PRO B 135 14.72 9.28 -21.11
CA PRO B 135 15.66 10.41 -21.12
C PRO B 135 16.13 10.73 -22.53
N THR B 141 24.22 9.51 -19.77
CA THR B 141 25.15 10.42 -19.11
C THR B 141 25.89 9.73 -17.95
N ASN B 142 25.13 9.31 -16.93
CA ASN B 142 25.69 8.67 -15.74
C ASN B 142 26.08 7.19 -15.93
N SER B 143 26.34 6.49 -14.82
CA SER B 143 26.62 5.04 -14.87
C SER B 143 25.34 4.22 -14.69
N MET B 144 24.41 4.76 -13.91
CA MET B 144 23.05 4.21 -13.83
C MET B 144 22.15 5.10 -14.70
N VAL B 145 21.09 4.52 -15.25
CA VAL B 145 20.08 5.29 -15.98
C VAL B 145 18.65 4.93 -15.50
N THR B 146 17.76 5.92 -15.47
CA THR B 146 16.42 5.75 -14.90
C THR B 146 15.32 5.94 -15.95
N LEU B 147 14.43 4.97 -16.03
CA LEU B 147 13.34 4.97 -16.99
C LEU B 147 12.03 4.93 -16.21
N GLY B 148 10.92 5.26 -16.87
CA GLY B 148 9.64 5.24 -16.22
C GLY B 148 8.53 4.92 -17.20
N CYS B 149 7.38 4.62 -16.63
CA CYS B 149 6.14 4.54 -17.39
C CYS B 149 5.16 5.43 -16.63
N LEU B 150 4.37 6.19 -17.37
CA LEU B 150 3.38 7.10 -16.79
C LEU B 150 2.06 6.43 -17.03
N VAL B 151 1.34 6.14 -15.95
CA VAL B 151 0.05 5.49 -16.05
C VAL B 151 -1.01 6.52 -15.68
N LYS B 152 -1.61 7.13 -16.68
CA LYS B 152 -2.42 8.33 -16.46
C LYS B 152 -3.89 8.14 -16.80
N GLY B 153 -4.75 8.80 -16.02
CA GLY B 153 -6.19 8.87 -16.23
C GLY B 153 -7.03 7.58 -16.17
N TYR B 154 -6.85 6.76 -15.13
CA TYR B 154 -7.64 5.53 -15.00
C TYR B 154 -8.52 5.59 -13.77
N PHE B 155 -9.53 4.71 -13.72
CA PHE B 155 -10.41 4.63 -12.55
C PHE B 155 -11.24 3.38 -12.65
N PRO B 156 -11.38 2.66 -11.52
CA PRO B 156 -10.75 3.09 -10.27
C PRO B 156 -9.41 2.40 -10.09
N GLU B 157 -8.85 2.54 -8.89
CA GLU B 157 -7.70 1.74 -8.47
C GLU B 157 -8.16 0.28 -8.39
N PRO B 158 -7.21 -0.65 -8.46
CA PRO B 158 -5.79 -0.32 -8.54
C PRO B 158 -5.28 -0.62 -9.96
N VAL B 159 -4.01 -0.31 -10.25
CA VAL B 159 -3.30 -0.88 -11.39
C VAL B 159 -2.05 -1.61 -10.86
N THR B 160 -1.51 -2.54 -11.65
CA THR B 160 -0.20 -3.13 -11.33
C THR B 160 0.85 -2.76 -12.39
N VAL B 161 2.09 -2.60 -11.95
CA VAL B 161 3.17 -2.34 -12.89
C VAL B 161 4.29 -3.32 -12.67
N THR B 162 4.73 -3.98 -13.75
CA THR B 162 5.98 -4.76 -13.70
C THR B 162 6.93 -4.26 -14.80
N TRP B 163 8.16 -4.74 -14.74
CA TRP B 163 9.18 -4.36 -15.70
C TRP B 163 9.78 -5.63 -16.27
N ASN B 164 9.61 -5.80 -17.57
CA ASN B 164 10.05 -7.01 -18.23
C ASN B 164 9.41 -8.26 -17.58
N SER B 165 8.10 -8.23 -17.43
CA SER B 165 7.34 -9.38 -16.94
C SER B 165 7.87 -9.88 -15.60
N GLY B 166 8.28 -8.96 -14.74
CA GLY B 166 8.76 -9.34 -13.42
C GLY B 166 10.25 -9.56 -13.29
N SER B 167 10.93 -9.82 -14.40
CA SER B 167 12.36 -10.13 -14.36
C SER B 167 13.24 -8.92 -14.00
N LEU B 168 12.65 -7.72 -14.01
CA LEU B 168 13.32 -6.54 -13.49
C LEU B 168 12.63 -6.09 -12.21
N SER B 169 13.17 -6.50 -11.06
CA SER B 169 12.50 -6.29 -9.78
C SER B 169 13.25 -5.29 -8.88
N THR B 170 14.56 -5.22 -9.02
CA THR B 170 15.33 -4.35 -8.15
C THR B 170 15.55 -2.98 -8.81
N GLY B 171 15.67 -1.94 -7.98
CA GLY B 171 15.74 -0.58 -8.49
C GLY B 171 14.44 0.00 -9.04
N VAL B 172 13.30 -0.60 -8.69
CA VAL B 172 12.00 -0.14 -9.16
C VAL B 172 11.21 0.71 -8.12
N HIS B 173 10.76 1.89 -8.53
CA HIS B 173 9.94 2.70 -7.66
C HIS B 173 8.57 2.91 -8.33
N THR B 174 7.51 2.33 -7.75
CA THR B 174 6.14 2.64 -8.18
C THR B 174 5.54 3.68 -7.23
N PHE B 175 5.12 4.81 -7.76
CA PHE B 175 4.62 5.91 -6.93
C PHE B 175 3.11 5.82 -6.68
N PRO B 176 2.67 6.22 -5.49
CA PRO B 176 1.25 6.06 -5.19
C PRO B 176 0.44 6.97 -6.09
N ALA B 177 -0.69 6.47 -6.57
CA ALA B 177 -1.47 7.24 -7.52
C ALA B 177 -2.05 8.46 -6.83
N VAL B 178 -2.21 9.53 -7.58
CA VAL B 178 -2.92 10.68 -7.05
C VAL B 178 -4.26 10.86 -7.81
N LEU B 179 -5.27 11.41 -7.13
CA LEU B 179 -6.59 11.56 -7.73
C LEU B 179 -6.86 12.98 -8.17
N SER B 180 -7.50 13.14 -9.33
CA SER B 180 -7.76 14.45 -9.91
C SER B 180 -8.87 14.39 -10.96
N SER B 181 -9.97 15.10 -10.74
CA SER B 181 -11.06 15.07 -11.71
C SER B 181 -11.48 13.64 -11.93
N ASP B 182 -11.42 12.86 -10.85
CA ASP B 182 -11.89 11.46 -10.83
C ASP B 182 -11.03 10.51 -11.67
N LEU B 183 -9.80 10.94 -11.94
CA LEU B 183 -8.86 10.07 -12.64
C LEU B 183 -7.61 9.93 -11.77
N TYR B 184 -7.16 8.70 -11.60
CA TYR B 184 -5.91 8.45 -10.91
C TYR B 184 -4.76 8.62 -11.88
N THR B 185 -3.59 8.96 -11.35
CA THR B 185 -2.39 9.03 -12.15
C THR B 185 -1.21 8.56 -11.33
N LEU B 186 -0.46 7.61 -11.88
CA LEU B 186 0.77 7.22 -11.19
C LEU B 186 1.89 6.90 -12.17
N THR B 187 3.11 6.83 -11.64
CA THR B 187 4.28 6.49 -12.43
C THR B 187 5.08 5.40 -11.75
N SER B 188 5.91 4.74 -12.54
CA SER B 188 6.87 3.80 -12.01
C SER B 188 8.20 4.12 -12.63
N SER B 189 9.25 4.15 -11.81
CA SER B 189 10.58 4.37 -12.33
C SER B 189 11.35 3.08 -12.20
N VAL B 190 12.30 2.87 -13.11
CA VAL B 190 13.22 1.75 -13.01
C VAL B 190 14.64 2.27 -13.29
N THR B 191 15.59 1.83 -12.49
CA THR B 191 16.99 2.23 -12.67
C THR B 191 17.84 1.04 -13.15
N VAL B 192 18.49 1.18 -14.28
CA VAL B 192 19.32 0.10 -14.81
C VAL B 192 20.69 0.66 -15.23
N PRO B 193 21.69 -0.23 -15.37
CA PRO B 193 23.03 0.18 -15.82
C PRO B 193 22.95 0.80 -17.20
N SER B 194 23.47 2.01 -17.34
CA SER B 194 23.50 2.68 -18.64
C SER B 194 24.15 1.78 -19.68
N LYS B 195 24.98 0.87 -19.20
CA LYS B 195 25.58 -0.17 -20.03
C LYS B 195 24.51 -0.89 -20.84
N THR B 196 23.42 -1.25 -20.17
CA THR B 196 22.42 -2.18 -20.71
C THR B 196 21.33 -1.54 -21.58
N TRP B 197 21.14 -0.24 -21.47
CA TRP B 197 20.06 0.42 -22.21
C TRP B 197 20.59 1.55 -23.09
N PRO B 198 20.08 1.63 -24.33
CA PRO B 198 18.98 0.81 -24.83
C PRO B 198 19.43 -0.47 -25.55
N SER B 199 20.62 -0.98 -25.27
CA SER B 199 21.09 -2.17 -25.97
C SER B 199 20.14 -3.33 -25.68
N GLU B 200 19.54 -3.28 -24.52
CA GLU B 200 18.63 -4.33 -24.08
C GLU B 200 17.25 -3.72 -23.84
N THR B 201 16.23 -4.36 -24.42
CA THR B 201 14.89 -3.82 -24.31
C THR B 201 14.49 -3.71 -22.84
N VAL B 202 13.78 -2.62 -22.53
CA VAL B 202 13.11 -2.45 -21.24
C VAL B 202 11.63 -2.13 -21.53
N THR B 203 10.74 -2.83 -20.86
CA THR B 203 9.33 -2.73 -21.12
C THR B 203 8.57 -2.77 -19.81
N CYS B 204 7.60 -1.88 -19.67
CA CYS B 204 6.71 -1.95 -18.52
C CYS B 204 5.40 -2.65 -18.90
N ASN B 205 4.91 -3.47 -17.96
CA ASN B 205 3.68 -4.20 -18.14
C ASN B 205 2.70 -3.75 -17.08
N VAL B 206 1.61 -3.15 -17.54
CA VAL B 206 0.65 -2.44 -16.70
C VAL B 206 -0.68 -3.11 -16.84
N ALA B 207 -1.33 -3.36 -15.72
CA ALA B 207 -2.68 -3.93 -15.78
C ALA B 207 -3.70 -3.08 -14.98
N HIS B 208 -4.91 -2.95 -15.53
CA HIS B 208 -6.05 -2.30 -14.86
C HIS B 208 -7.29 -3.23 -14.94
N PRO B 209 -7.44 -4.11 -13.93
CA PRO B 209 -8.47 -5.16 -13.92
C PRO B 209 -9.88 -4.63 -14.09
N ALA B 210 -10.17 -3.51 -13.42
CA ALA B 210 -11.43 -2.79 -13.60
C ALA B 210 -11.88 -2.77 -15.06
N SER B 211 -10.92 -2.57 -15.97
CA SER B 211 -11.22 -2.40 -17.38
C SER B 211 -10.59 -3.49 -18.22
N SER B 212 -10.18 -4.57 -17.58
CA SER B 212 -9.47 -5.66 -18.26
C SER B 212 -8.32 -5.15 -19.14
N THR B 213 -7.64 -4.10 -18.71
CA THR B 213 -6.58 -3.54 -19.53
C THR B 213 -5.21 -4.15 -19.25
N LYS B 214 -4.59 -4.63 -20.33
CA LYS B 214 -3.19 -5.07 -20.29
C LYS B 214 -2.44 -4.29 -21.35
N VAL B 215 -1.39 -3.62 -20.92
CA VAL B 215 -0.59 -2.77 -21.77
C VAL B 215 0.88 -3.12 -21.59
N ASP B 216 1.57 -3.31 -22.70
CA ASP B 216 3.01 -3.42 -22.70
C ASP B 216 3.54 -2.18 -23.39
N LYS B 217 4.54 -1.55 -22.81
CA LYS B 217 5.14 -0.42 -23.46
C LYS B 217 6.64 -0.47 -23.41
N LYS B 218 7.25 -0.60 -24.59
CA LYS B 218 8.70 -0.60 -24.68
C LYS B 218 9.27 0.82 -24.52
N ILE B 219 10.30 0.96 -23.71
CA ILE B 219 10.96 2.25 -23.60
C ILE B 219 11.99 2.41 -24.73
N VAL B 220 11.65 3.17 -25.77
CA VAL B 220 12.60 3.40 -26.86
C VAL B 220 13.21 4.80 -26.77
N PRO B 221 14.53 4.89 -27.03
CA PRO B 221 15.31 6.12 -26.99
C PRO B 221 14.73 7.27 -27.82
N ALA B 222 14.86 8.49 -27.31
CA ALA B 222 14.27 9.68 -27.93
C ALA B 222 15.10 10.19 -29.11
#